data_1NFU
#
_entry.id   1NFU
#
_cell.length_a   55.073
_cell.length_b   71.830
_cell.length_c   78.970
_cell.angle_alpha   90.00
_cell.angle_beta   90.00
_cell.angle_gamma   90.00
#
_symmetry.space_group_name_H-M   'P 21 21 21'
#
loop_
_entity.id
_entity.type
_entity.pdbx_description
1 polymer 'COAGULATION FACTOR XA, HEAVY CHAIN'
2 polymer 'COAGULATION FACTOR XA, LIGHT CHAIN'
3 non-polymer 'CALCIUM ION'
4 non-polymer 3-({4-[(6-CHLORO-1-BENZOTHIEN-2-YL)SULFONYL]-2-OXOPIPERAZIN-1-YL}METHYL)BENZENECARBOXIMIDAMIDE
5 water water
#
loop_
_entity_poly.entity_id
_entity_poly.type
_entity_poly.pdbx_seq_one_letter_code
_entity_poly.pdbx_strand_id
1 'polypeptide(L)'
;IVGGQECKDGECPWQALLINEENEGFCGGTILSEFYILTAAHCLYQAKRFKVRVGDRNTEQEEGGEAVHEVEVVIKHNRF
TKETYDFDIAVLRLKTPITFRMNVAPACLPERDWAESTLMTQKTGIVSGFGRTHEKGRQSTRLKMLEVPYVDRNSCKLSS
SFIITQNMFCAGYDTKQEDACQGDSGGPHVTRFKDTYFVTGIVSWGEGCARKGKYGIYTKVTAFLKWIDRSMKTRGLPKA
KSHAPEVITSSPLK
;
A
2 'polypeptide(L)'
;EEMKKGHLERECMEETCSYEEAREVFEDSDKTNEFWNKYKDGDQCETSPCQNQGKCKDGLGEYTCTCLEGFEGKNCELFT
RKLCSLDNGDCDQFCHEEQNSVVCSCARGYTLADNGKACIPTGPYPCGKQTLERRKRSVAQATSSSGEAPDSITWKPYDA
ADLDPTENPFDLLDFNQTQPERGDNNLTRIVGGQE
;
B
#
loop_
_chem_comp.id
_chem_comp.type
_chem_comp.name
_chem_comp.formula
CA non-polymer 'CALCIUM ION' 'Ca 2'
RRP non-polymer 3-({4-[(6-CHLORO-1-BENZOTHIEN-2-YL)SULFONYL]-2-OXOPIPERAZIN-1-YL}METHYL)BENZENECARBOXIMIDAMIDE 'C20 H19 Cl N4 O3 S2'
#
# COMPACT_ATOMS: atom_id res chain seq x y z
N ILE A 1 11.07 -7.01 -5.22
CA ILE A 1 11.70 -5.69 -4.95
C ILE A 1 13.15 -5.74 -5.39
N VAL A 2 13.52 -4.78 -6.24
CA VAL A 2 14.89 -4.69 -6.73
C VAL A 2 15.60 -3.67 -5.86
N GLY A 3 16.69 -4.08 -5.21
CA GLY A 3 17.40 -3.16 -4.34
C GLY A 3 16.71 -3.08 -3.00
N GLY A 4 16.68 -1.90 -2.41
CA GLY A 4 16.03 -1.73 -1.11
C GLY A 4 16.58 -2.63 -0.01
N GLN A 5 15.87 -2.66 1.11
CA GLN A 5 16.29 -3.46 2.25
C GLN A 5 15.25 -4.48 2.68
N GLU A 6 15.66 -5.33 3.62
CA GLU A 6 14.82 -6.37 4.19
C GLU A 6 13.92 -5.71 5.21
N CYS A 7 12.66 -6.11 5.26
CA CYS A 7 11.78 -5.56 6.28
C CYS A 7 12.24 -6.26 7.56
N LYS A 8 12.57 -5.49 8.58
CA LYS A 8 13.00 -6.07 9.84
C LYS A 8 11.76 -6.39 10.67
N ASP A 9 11.96 -7.09 11.78
CA ASP A 9 10.86 -7.49 12.63
C ASP A 9 9.88 -6.37 12.94
N GLY A 10 8.62 -6.59 12.55
CA GLY A 10 7.57 -5.60 12.79
C GLY A 10 7.58 -4.32 11.97
N GLU A 11 8.36 -4.29 10.89
CA GLU A 11 8.48 -3.11 10.04
C GLU A 11 7.46 -2.98 8.90
N CYS A 12 7.00 -4.09 8.36
CA CYS A 12 6.02 -4.05 7.25
C CYS A 12 4.86 -4.97 7.61
N PRO A 13 4.19 -4.69 8.74
CA PRO A 13 3.07 -5.51 9.22
C PRO A 13 1.79 -5.61 8.39
N TRP A 14 1.58 -4.66 7.49
CA TRP A 14 0.38 -4.62 6.64
C TRP A 14 0.56 -5.40 5.36
N GLN A 15 1.74 -5.98 5.19
CA GLN A 15 2.01 -6.76 4.01
C GLN A 15 1.21 -8.07 4.01
N ALA A 16 0.53 -8.35 2.90
CA ALA A 16 -0.23 -9.58 2.75
C ALA A 16 0.37 -10.25 1.52
N LEU A 17 0.22 -11.58 1.42
CA LEU A 17 0.77 -12.30 0.28
C LEU A 17 -0.24 -13.30 -0.30
N LEU A 18 -0.66 -13.04 -1.52
CA LEU A 18 -1.62 -13.92 -2.18
C LEU A 18 -0.83 -15.16 -2.62
N ILE A 19 -1.31 -16.33 -2.25
CA ILE A 19 -0.64 -17.57 -2.60
C ILE A 19 -1.56 -18.44 -3.45
N ASN A 20 -0.98 -19.16 -4.41
CA ASN A 20 -1.76 -20.01 -5.30
C ASN A 20 -1.94 -21.43 -4.75
N GLU A 21 -2.61 -22.27 -5.55
CA GLU A 21 -2.87 -23.67 -5.18
C GLU A 21 -1.61 -24.40 -4.71
N GLU A 22 -0.46 -23.97 -5.22
CA GLU A 22 0.82 -24.58 -4.86
C GLU A 22 1.56 -23.85 -3.75
N ASN A 23 0.84 -22.99 -3.02
CA ASN A 23 1.40 -22.23 -1.91
C ASN A 23 2.55 -21.28 -2.27
N GLU A 24 2.64 -20.91 -3.54
CA GLU A 24 3.68 -20.00 -3.99
C GLU A 24 3.06 -18.60 -4.05
N GLY A 25 3.80 -17.60 -3.59
CA GLY A 25 3.29 -16.24 -3.62
C GLY A 25 3.34 -15.73 -5.04
N PHE A 26 2.28 -15.08 -5.49
CA PHE A 26 2.27 -14.57 -6.84
C PHE A 26 1.91 -13.08 -6.90
N CYS A 27 1.38 -12.56 -5.81
CA CYS A 27 1.01 -11.15 -5.76
C CYS A 27 1.03 -10.67 -4.31
N GLY A 28 0.94 -9.36 -4.14
CA GLY A 28 0.95 -8.79 -2.81
C GLY A 28 -0.41 -8.22 -2.47
N GLY A 29 -0.51 -7.64 -1.28
CA GLY A 29 -1.74 -7.05 -0.82
C GLY A 29 -1.43 -6.21 0.39
N THR A 30 -2.39 -5.41 0.83
CA THR A 30 -2.18 -4.59 2.01
C THR A 30 -3.33 -4.86 2.96
N ILE A 31 -3.00 -5.08 4.23
CA ILE A 31 -4.03 -5.32 5.21
C ILE A 31 -4.69 -3.98 5.52
N LEU A 32 -6.01 -3.91 5.35
CA LEU A 32 -6.77 -2.68 5.62
C LEU A 32 -7.48 -2.78 6.95
N SER A 33 -7.81 -4.01 7.35
CA SER A 33 -8.52 -4.29 8.58
C SER A 33 -8.57 -5.81 8.83
N GLU A 34 -9.16 -6.22 9.95
CA GLU A 34 -9.19 -7.64 10.26
C GLU A 34 -9.84 -8.47 9.17
N PHE A 35 -10.78 -7.87 8.44
CA PHE A 35 -11.47 -8.61 7.39
C PHE A 35 -11.11 -8.28 5.95
N TYR A 36 -10.45 -7.14 5.72
CA TYR A 36 -10.14 -6.70 4.35
C TYR A 36 -8.71 -6.53 3.87
N ILE A 37 -8.46 -7.03 2.67
CA ILE A 37 -7.15 -6.93 2.03
C ILE A 37 -7.29 -6.09 0.75
N LEU A 38 -6.33 -5.21 0.51
CA LEU A 38 -6.33 -4.39 -0.70
C LEU A 38 -5.30 -4.98 -1.64
N THR A 39 -5.68 -5.20 -2.89
CA THR A 39 -4.72 -5.74 -3.86
C THR A 39 -5.01 -5.19 -5.26
N ALA A 40 -4.30 -5.70 -6.26
CA ALA A 40 -4.50 -5.26 -7.64
C ALA A 40 -5.49 -6.18 -8.33
N ALA A 41 -6.37 -5.60 -9.12
CA ALA A 41 -7.37 -6.38 -9.84
C ALA A 41 -6.75 -7.30 -10.89
N HIS A 42 -5.57 -6.93 -11.39
CA HIS A 42 -4.92 -7.75 -12.39
C HIS A 42 -4.33 -9.02 -11.78
N CYS A 43 -4.25 -9.05 -10.46
CA CYS A 43 -3.70 -10.22 -9.77
C CYS A 43 -4.75 -11.33 -9.77
N LEU A 44 -6.02 -10.94 -9.72
CA LEU A 44 -7.11 -11.90 -9.72
C LEU A 44 -7.09 -12.67 -11.02
N TYR A 45 -6.09 -12.41 -11.86
CA TYR A 45 -5.97 -13.09 -13.14
C TYR A 45 -4.78 -14.04 -13.17
N GLN A 46 -3.88 -13.89 -12.21
CA GLN A 46 -2.68 -14.72 -12.15
C GLN A 46 -2.88 -16.09 -11.54
N ALA A 47 -4.08 -16.37 -11.03
CA ALA A 47 -4.35 -17.66 -10.40
C ALA A 47 -5.83 -18.09 -10.42
N LYS A 48 -6.05 -19.39 -10.58
CA LYS A 48 -7.39 -19.97 -10.62
C LYS A 48 -8.06 -19.82 -9.26
N ARG A 49 -7.33 -20.18 -8.21
CA ARG A 49 -7.81 -20.08 -6.84
C ARG A 49 -6.62 -19.66 -5.97
N PHE A 50 -6.88 -18.82 -4.97
CA PHE A 50 -5.81 -18.36 -4.10
C PHE A 50 -6.26 -18.06 -2.67
N LYS A 51 -5.28 -17.81 -1.82
CA LYS A 51 -5.51 -17.51 -0.42
C LYS A 51 -4.58 -16.36 -0.02
N VAL A 52 -4.82 -15.79 1.15
CA VAL A 52 -4.00 -14.70 1.65
C VAL A 52 -3.20 -15.07 2.90
N ARG A 53 -1.88 -14.95 2.81
CA ARG A 53 -1.02 -15.24 3.93
C ARG A 53 -0.52 -13.95 4.56
N VAL A 54 -0.60 -13.85 5.89
CA VAL A 54 -0.12 -12.66 6.60
C VAL A 54 0.94 -13.04 7.63
N GLY A 55 1.71 -12.05 8.08
CA GLY A 55 2.74 -12.28 9.08
C GLY A 55 3.99 -12.99 8.60
N ASP A 56 4.12 -13.14 7.29
CA ASP A 56 5.27 -13.82 6.70
C ASP A 56 6.39 -12.84 6.37
N ARG A 57 7.63 -13.22 6.70
CA ARG A 57 8.78 -12.38 6.39
C ARG A 57 9.83 -13.24 5.68
N ASN A 58 9.71 -14.56 5.85
CA ASN A 58 10.64 -15.50 5.23
C ASN A 58 9.88 -16.75 4.81
N THR A 59 9.51 -16.79 3.54
CA THR A 59 8.77 -17.93 3.01
C THR A 59 9.58 -19.23 3.01
N GLU A 60 10.65 -19.29 3.81
CA GLU A 60 11.48 -20.48 3.88
C GLU A 60 11.49 -21.13 5.26
N GLN A 61 10.83 -20.49 6.22
CA GLN A 61 10.76 -21.00 7.57
C GLN A 61 9.36 -20.72 8.10
N GLU A 62 9.08 -21.18 9.32
CA GLU A 62 7.78 -20.95 9.93
C GLU A 62 7.99 -20.13 11.20
N GLU A 63 8.29 -18.84 11.02
CA GLU A 63 8.53 -17.91 12.13
C GLU A 63 7.51 -18.06 13.26
N GLY A 64 6.29 -18.45 12.90
CA GLY A 64 5.25 -18.62 13.90
C GLY A 64 4.18 -17.54 13.90
N GLY A 65 4.45 -16.44 13.20
CA GLY A 65 3.48 -15.37 13.13
C GLY A 65 2.60 -15.44 11.90
N GLU A 66 2.93 -16.32 10.97
CA GLU A 66 2.18 -16.50 9.73
C GLU A 66 0.80 -17.10 9.94
N ALA A 67 -0.14 -16.70 9.09
CA ALA A 67 -1.50 -17.20 9.16
C ALA A 67 -2.08 -17.13 7.75
N VAL A 68 -2.69 -18.23 7.31
CA VAL A 68 -3.30 -18.29 6.00
C VAL A 68 -4.78 -18.03 6.16
N HIS A 69 -5.34 -17.26 5.23
CA HIS A 69 -6.75 -16.92 5.27
C HIS A 69 -7.39 -17.17 3.94
N GLU A 70 -8.61 -17.66 3.98
CA GLU A 70 -9.37 -17.93 2.78
C GLU A 70 -10.14 -16.68 2.42
N VAL A 71 -10.37 -16.50 1.13
CA VAL A 71 -11.10 -15.34 0.65
C VAL A 71 -12.58 -15.69 0.56
N GLU A 72 -13.42 -14.89 1.19
CA GLU A 72 -14.86 -15.12 1.15
C GLU A 72 -15.49 -14.36 0.00
N VAL A 73 -14.98 -13.15 -0.25
CA VAL A 73 -15.49 -12.31 -1.32
C VAL A 73 -14.37 -11.57 -2.03
N VAL A 74 -14.44 -11.54 -3.35
CA VAL A 74 -13.48 -10.81 -4.15
C VAL A 74 -14.26 -9.65 -4.73
N ILE A 75 -13.84 -8.42 -4.41
CA ILE A 75 -14.50 -7.21 -4.89
C ILE A 75 -13.53 -6.42 -5.77
N LYS A 76 -13.64 -6.62 -7.07
CA LYS A 76 -12.78 -5.95 -8.05
C LYS A 76 -13.49 -4.73 -8.66
N HIS A 77 -12.74 -3.70 -9.03
CA HIS A 77 -13.38 -2.52 -9.61
C HIS A 77 -14.11 -2.86 -10.92
N ASN A 78 -15.37 -2.47 -10.98
CA ASN A 78 -16.19 -2.72 -12.15
C ASN A 78 -15.57 -2.18 -13.44
N ARG A 79 -14.77 -1.11 -13.33
CA ARG A 79 -14.16 -0.51 -14.51
C ARG A 79 -12.70 -0.91 -14.83
N PHE A 80 -12.18 -1.96 -14.21
CA PHE A 80 -10.79 -2.38 -14.46
C PHE A 80 -10.61 -2.85 -15.91
N THR A 81 -9.55 -2.38 -16.56
CA THR A 81 -9.28 -2.77 -17.95
C THR A 81 -7.92 -3.43 -18.10
N LYS A 82 -7.92 -4.68 -18.55
CA LYS A 82 -6.68 -5.41 -18.72
C LYS A 82 -5.76 -4.77 -19.76
N GLU A 83 -6.37 -4.09 -20.73
CA GLU A 83 -5.60 -3.45 -21.80
C GLU A 83 -4.69 -2.31 -21.33
N THR A 84 -5.18 -1.48 -20.42
CA THR A 84 -4.40 -0.34 -19.95
C THR A 84 -4.02 -0.39 -18.47
N TYR A 85 -4.52 -1.40 -17.75
CA TYR A 85 -4.25 -1.55 -16.33
C TYR A 85 -4.87 -0.38 -15.57
N ASP A 86 -5.92 0.21 -16.15
CA ASP A 86 -6.60 1.34 -15.52
C ASP A 86 -7.58 0.75 -14.51
N PHE A 87 -7.81 1.47 -13.41
CA PHE A 87 -8.72 0.99 -12.37
C PHE A 87 -8.20 -0.37 -11.84
N ASP A 88 -6.90 -0.44 -11.60
CA ASP A 88 -6.25 -1.66 -11.11
C ASP A 88 -6.35 -1.76 -9.58
N ILE A 89 -7.56 -2.00 -9.09
CA ILE A 89 -7.80 -2.09 -7.66
C ILE A 89 -8.84 -3.17 -7.36
N ALA A 90 -8.63 -3.87 -6.25
CA ALA A 90 -9.53 -4.92 -5.81
C ALA A 90 -9.44 -5.02 -4.29
N VAL A 91 -10.57 -5.33 -3.67
CA VAL A 91 -10.65 -5.48 -2.24
C VAL A 91 -11.08 -6.92 -1.99
N LEU A 92 -10.44 -7.59 -1.01
CA LEU A 92 -10.76 -8.98 -0.66
C LEU A 92 -11.32 -9.10 0.77
N ARG A 93 -12.45 -9.78 0.91
CA ARG A 93 -13.02 -9.99 2.24
C ARG A 93 -12.66 -11.41 2.66
N LEU A 94 -12.00 -11.53 3.81
CA LEU A 94 -11.58 -12.84 4.31
C LEU A 94 -12.69 -13.57 5.06
N LYS A 95 -12.68 -14.90 4.96
CA LYS A 95 -13.68 -15.72 5.64
C LYS A 95 -13.54 -15.52 7.16
N THR A 96 -12.29 -15.56 7.64
CA THR A 96 -12.03 -15.38 9.07
C THR A 96 -11.19 -14.15 9.32
N PRO A 97 -11.42 -13.46 10.44
CA PRO A 97 -10.69 -12.25 10.81
C PRO A 97 -9.20 -12.45 11.07
N ILE A 98 -8.41 -11.44 10.73
CA ILE A 98 -6.98 -11.48 10.96
C ILE A 98 -6.75 -11.03 12.40
N THR A 99 -5.97 -11.80 13.13
CA THR A 99 -5.67 -11.45 14.51
C THR A 99 -4.35 -10.69 14.47
N PHE A 100 -4.39 -9.41 14.80
CA PHE A 100 -3.19 -8.59 14.80
C PHE A 100 -2.24 -9.02 15.90
N ARG A 101 -0.96 -9.03 15.55
CA ARG A 101 0.10 -9.42 16.45
C ARG A 101 1.36 -8.83 15.85
N MET A 102 2.50 -9.36 16.24
CA MET A 102 3.76 -8.90 15.70
C MET A 102 3.76 -9.26 14.22
N ASN A 103 4.14 -8.29 13.38
CA ASN A 103 4.20 -8.48 11.94
C ASN A 103 2.83 -8.63 11.28
N VAL A 104 1.78 -8.29 11.99
CA VAL A 104 0.43 -8.36 11.43
C VAL A 104 -0.37 -7.21 12.02
N ALA A 105 -0.48 -6.12 11.26
CA ALA A 105 -1.23 -4.94 11.67
C ALA A 105 -1.68 -4.24 10.39
N PRO A 106 -2.76 -3.44 10.46
CA PRO A 106 -3.24 -2.74 9.26
C PRO A 106 -2.56 -1.42 8.98
N ALA A 107 -2.60 -1.01 7.72
CA ALA A 107 -2.06 0.27 7.27
C ALA A 107 -3.26 1.19 7.29
N CYS A 108 -3.04 2.47 7.57
CA CYS A 108 -4.15 3.42 7.63
C CYS A 108 -4.58 3.90 6.24
N LEU A 109 -5.88 4.11 6.09
CA LEU A 109 -6.47 4.62 4.87
C LEU A 109 -6.54 6.11 5.16
N PRO A 110 -5.94 6.94 4.30
CA PRO A 110 -6.00 8.38 4.56
C PRO A 110 -7.25 9.01 3.99
N GLU A 111 -7.37 10.33 4.15
CA GLU A 111 -8.47 11.09 3.59
C GLU A 111 -7.88 11.61 2.28
N ARG A 112 -8.68 11.63 1.21
CA ARG A 112 -8.20 12.06 -0.09
C ARG A 112 -7.52 13.43 -0.13
N ASP A 113 -8.24 14.49 0.20
CA ASP A 113 -7.64 15.83 0.14
C ASP A 113 -6.33 15.95 0.91
N TRP A 114 -6.32 15.52 2.16
CA TRP A 114 -5.11 15.59 3.00
C TRP A 114 -3.96 14.75 2.41
N ALA A 115 -4.28 13.54 1.96
CA ALA A 115 -3.30 12.62 1.37
C ALA A 115 -2.61 13.17 0.10
N GLU A 116 -3.41 13.62 -0.87
CA GLU A 116 -2.89 14.14 -2.13
C GLU A 116 -2.10 15.43 -1.96
N SER A 117 -2.52 16.25 -1.00
CA SER A 117 -1.83 17.51 -0.77
C SER A 117 -0.70 17.44 0.27
N THR A 118 -0.77 16.50 1.21
CA THR A 118 0.25 16.36 2.26
C THR A 118 1.08 15.08 2.24
N LEU A 119 0.47 13.98 1.87
CA LEU A 119 1.18 12.72 1.83
C LEU A 119 1.96 12.54 0.52
N MET A 120 1.26 12.65 -0.60
CA MET A 120 1.86 12.47 -1.92
C MET A 120 2.74 13.62 -2.38
N THR A 121 2.89 14.63 -1.54
CA THR A 121 3.73 15.76 -1.87
C THR A 121 4.99 15.59 -1.05
N GLN A 122 5.09 14.42 -0.43
CA GLN A 122 6.25 14.09 0.39
C GLN A 122 7.31 13.61 -0.58
N LYS A 123 8.55 13.59 -0.13
CA LYS A 123 9.66 13.16 -0.97
C LYS A 123 9.51 11.71 -1.44
N THR A 124 9.30 10.82 -0.47
CA THR A 124 9.21 9.39 -0.78
C THR A 124 8.05 8.63 -0.14
N GLY A 125 7.88 7.40 -0.64
CA GLY A 125 6.88 6.47 -0.15
C GLY A 125 7.63 5.15 0.02
N ILE A 126 6.97 4.12 0.54
CA ILE A 126 7.65 2.84 0.72
C ILE A 126 6.89 1.75 0.01
N VAL A 127 7.59 0.95 -0.77
CA VAL A 127 6.97 -0.16 -1.49
C VAL A 127 7.58 -1.44 -0.92
N SER A 128 6.79 -2.50 -0.81
CA SER A 128 7.30 -3.76 -0.27
C SER A 128 6.70 -5.01 -0.90
N GLY A 129 7.42 -6.12 -0.77
CA GLY A 129 6.94 -7.37 -1.33
C GLY A 129 7.96 -8.47 -1.42
N PHE A 130 7.48 -9.65 -1.81
CA PHE A 130 8.32 -10.84 -1.96
C PHE A 130 8.62 -11.03 -3.44
N GLY A 131 8.33 -10.01 -4.25
CA GLY A 131 8.57 -10.10 -5.68
C GLY A 131 10.01 -10.30 -6.13
N ARG A 132 10.21 -10.47 -7.43
CA ARG A 132 11.54 -10.68 -7.98
C ARG A 132 12.56 -9.67 -7.51
N THR A 133 13.82 -10.10 -7.46
CA THR A 133 14.91 -9.25 -7.05
C THR A 133 15.64 -8.72 -8.31
N HIS A 134 15.27 -9.27 -9.47
CA HIS A 134 15.82 -8.90 -10.78
C HIS A 134 14.71 -9.03 -11.82
N GLU A 135 14.98 -8.55 -13.03
CA GLU A 135 14.01 -8.63 -14.12
C GLU A 135 13.91 -10.09 -14.56
N LYS A 136 15.02 -10.82 -14.45
CA LYS A 136 15.06 -12.22 -14.83
C LYS A 136 15.34 -13.04 -13.57
N GLY A 137 15.60 -12.32 -12.49
CA GLY A 137 15.89 -12.97 -11.22
C GLY A 137 14.71 -13.75 -10.67
N ARG A 138 14.97 -14.52 -9.61
CA ARG A 138 13.94 -15.31 -8.95
C ARG A 138 13.29 -14.44 -7.88
N GLN A 139 12.15 -14.88 -7.35
CA GLN A 139 11.47 -14.10 -6.33
C GLN A 139 12.28 -14.11 -5.03
N SER A 140 11.88 -13.26 -4.09
CA SER A 140 12.55 -13.17 -2.82
C SER A 140 11.86 -14.08 -1.81
N THR A 141 12.65 -14.79 -1.00
CA THR A 141 12.07 -15.66 0.01
C THR A 141 11.92 -14.80 1.24
N ARG A 142 12.48 -13.60 1.15
CA ARG A 142 12.43 -12.62 2.23
C ARG A 142 11.63 -11.39 1.81
N LEU A 143 10.85 -10.87 2.75
CA LEU A 143 10.04 -9.69 2.49
C LEU A 143 10.96 -8.48 2.45
N LYS A 144 10.85 -7.70 1.38
CA LYS A 144 11.69 -6.53 1.24
C LYS A 144 10.88 -5.26 1.14
N MET A 145 11.53 -4.14 1.43
CA MET A 145 10.90 -2.83 1.35
C MET A 145 11.86 -1.91 0.60
N LEU A 146 11.31 -0.92 -0.10
CA LEU A 146 12.11 0.01 -0.87
C LEU A 146 11.53 1.41 -0.75
N GLU A 147 12.38 2.38 -0.42
CA GLU A 147 11.93 3.75 -0.32
C GLU A 147 11.96 4.30 -1.76
N VAL A 148 10.79 4.60 -2.31
CA VAL A 148 10.71 5.13 -3.67
C VAL A 148 10.22 6.57 -3.70
N PRO A 149 11.01 7.48 -4.27
CA PRO A 149 10.59 8.88 -4.34
C PRO A 149 9.38 9.07 -5.23
N TYR A 150 8.54 10.04 -4.90
CA TYR A 150 7.39 10.31 -5.73
C TYR A 150 7.95 10.95 -6.99
N VAL A 151 7.37 10.63 -8.14
CA VAL A 151 7.85 11.17 -9.40
C VAL A 151 6.87 12.16 -10.03
N ASP A 152 7.40 13.26 -10.54
CA ASP A 152 6.60 14.29 -11.18
C ASP A 152 5.72 13.68 -12.24
N ARG A 153 4.43 14.01 -12.18
CA ARG A 153 3.42 13.51 -13.09
C ARG A 153 3.79 13.68 -14.58
N ASN A 154 4.26 14.87 -14.93
CA ASN A 154 4.64 15.16 -16.30
C ASN A 154 5.84 14.30 -16.72
N SER A 155 6.89 14.32 -15.90
CA SER A 155 8.10 13.55 -16.16
C SER A 155 7.77 12.09 -16.41
N CYS A 156 6.82 11.57 -15.64
CA CYS A 156 6.44 10.18 -15.79
C CYS A 156 5.66 9.93 -17.05
N LYS A 157 4.76 10.86 -17.37
CA LYS A 157 3.96 10.71 -18.59
C LYS A 157 4.90 10.66 -19.79
N LEU A 158 5.96 11.47 -19.75
CA LEU A 158 6.93 11.51 -20.84
C LEU A 158 7.73 10.21 -20.91
N SER A 159 8.13 9.72 -19.75
CA SER A 159 8.93 8.51 -19.64
C SER A 159 8.22 7.23 -20.09
N SER A 160 6.91 7.17 -19.89
CA SER A 160 6.15 5.97 -20.23
C SER A 160 5.78 5.79 -21.68
N SER A 161 5.95 4.57 -22.18
CA SER A 161 5.61 4.21 -23.55
C SER A 161 4.14 3.80 -23.57
N PHE A 162 3.48 3.95 -22.43
CA PHE A 162 2.08 3.59 -22.28
C PHE A 162 1.35 4.68 -21.47
N ILE A 163 0.06 4.84 -21.74
CA ILE A 163 -0.77 5.83 -21.07
C ILE A 163 -0.78 5.73 -19.54
N ILE A 164 -0.65 6.88 -18.88
CA ILE A 164 -0.68 6.97 -17.43
C ILE A 164 -2.01 7.67 -17.15
N THR A 165 -3.02 6.90 -16.75
CA THR A 165 -4.33 7.46 -16.48
C THR A 165 -4.38 8.23 -15.17
N GLN A 166 -5.52 8.85 -14.93
CA GLN A 166 -5.75 9.66 -13.74
C GLN A 166 -5.78 8.80 -12.48
N ASN A 167 -5.85 7.49 -12.68
CA ASN A 167 -5.91 6.53 -11.58
C ASN A 167 -4.56 5.90 -11.28
N MET A 168 -3.50 6.50 -11.82
CA MET A 168 -2.16 6.00 -11.59
C MET A 168 -1.24 7.16 -11.25
N PHE A 169 -0.09 6.82 -10.69
CA PHE A 169 0.91 7.80 -10.37
C PHE A 169 2.21 7.03 -10.43
N CYS A 170 3.33 7.71 -10.46
CA CYS A 170 4.61 7.04 -10.58
C CYS A 170 5.58 7.29 -9.44
N ALA A 171 6.47 6.33 -9.23
CA ALA A 171 7.48 6.43 -8.20
C ALA A 171 8.62 5.52 -8.58
N GLY A 172 9.79 5.82 -8.02
CA GLY A 172 10.95 5.03 -8.32
C GLY A 172 12.11 5.93 -8.66
N TYR A 173 13.08 5.35 -9.35
CA TYR A 173 14.28 6.06 -9.75
C TYR A 173 14.42 6.09 -11.25
N ASP A 174 15.06 7.13 -11.77
CA ASP A 174 15.27 7.26 -13.20
C ASP A 174 16.32 6.26 -13.64
N THR A 175 17.49 6.31 -13.01
CA THR A 175 18.57 5.40 -13.39
C THR A 175 18.96 4.40 -12.30
N LYS A 176 18.86 4.82 -11.03
CA LYS A 176 19.20 3.95 -9.90
C LYS A 176 18.51 2.58 -9.97
N GLN A 177 19.25 1.53 -9.59
CA GLN A 177 18.72 0.17 -9.62
C GLN A 177 17.86 -0.19 -8.42
N GLU A 178 16.68 0.42 -8.33
CA GLU A 178 15.75 0.17 -7.24
C GLU A 178 14.34 0.36 -7.76
N ASP A 179 13.51 -0.65 -7.60
CA ASP A 179 12.14 -0.60 -8.09
C ASP A 179 11.39 -1.87 -7.71
N ALA A 180 10.07 -1.79 -7.72
CA ALA A 180 9.28 -2.95 -7.42
C ALA A 180 9.52 -3.82 -8.64
N CYS A 181 8.91 -5.00 -8.68
CA CYS A 181 9.09 -5.88 -9.82
C CYS A 181 7.96 -6.91 -9.82
N GLN A 182 8.11 -7.95 -10.64
CA GLN A 182 7.08 -8.98 -10.70
C GLN A 182 6.95 -9.74 -9.38
N GLY A 183 5.71 -9.96 -8.96
CA GLY A 183 5.48 -10.65 -7.70
C GLY A 183 5.12 -9.68 -6.59
N ASP A 184 5.50 -8.42 -6.78
CA ASP A 184 5.22 -7.35 -5.82
C ASP A 184 3.87 -6.72 -6.14
N SER A 185 3.36 -6.95 -7.35
CA SER A 185 2.08 -6.38 -7.77
C SER A 185 0.95 -6.66 -6.79
N GLY A 186 0.15 -5.64 -6.51
CA GLY A 186 -0.97 -5.78 -5.59
C GLY A 186 -0.52 -5.35 -4.21
N GLY A 187 0.80 -5.37 -4.03
CA GLY A 187 1.42 -5.01 -2.77
C GLY A 187 1.22 -3.57 -2.32
N PRO A 188 1.63 -3.24 -1.09
CA PRO A 188 1.47 -1.90 -0.57
C PRO A 188 2.49 -0.83 -0.99
N HIS A 189 1.99 0.39 -1.10
CA HIS A 189 2.82 1.56 -1.36
C HIS A 189 2.27 2.40 -0.23
N VAL A 190 3.10 2.73 0.74
CA VAL A 190 2.63 3.51 1.87
C VAL A 190 3.48 4.74 2.08
N THR A 191 2.91 5.72 2.76
CA THR A 191 3.63 6.94 3.02
C THR A 191 3.58 7.24 4.50
N ARG A 192 4.73 7.55 5.05
CA ARG A 192 4.83 7.85 6.46
C ARG A 192 4.64 9.31 6.77
N PHE A 193 3.83 9.57 7.79
CA PHE A 193 3.61 10.91 8.25
C PHE A 193 3.63 10.85 9.76
N LYS A 194 4.69 11.40 10.36
CA LYS A 194 4.85 11.42 11.82
C LYS A 194 4.80 10.02 12.47
N ASP A 195 5.54 9.07 11.90
CA ASP A 195 5.59 7.72 12.45
C ASP A 195 4.32 6.88 12.25
N THR A 196 3.43 7.31 11.37
CA THR A 196 2.21 6.56 11.08
C THR A 196 2.21 6.39 9.56
N TYR A 197 1.96 5.17 9.10
CA TYR A 197 1.96 4.87 7.68
C TYR A 197 0.58 4.77 7.06
N PHE A 198 0.41 5.45 5.93
CA PHE A 198 -0.86 5.45 5.19
C PHE A 198 -0.69 4.82 3.83
N VAL A 199 -1.68 4.04 3.41
CA VAL A 199 -1.61 3.41 2.10
C VAL A 199 -1.86 4.51 1.04
N THR A 200 -0.95 4.61 0.08
CA THR A 200 -1.09 5.64 -0.95
C THR A 200 -1.08 5.05 -2.35
N GLY A 201 -0.71 3.77 -2.44
CA GLY A 201 -0.69 3.12 -3.73
C GLY A 201 -0.71 1.62 -3.69
N ILE A 202 -0.96 1.03 -4.86
CA ILE A 202 -1.00 -0.41 -5.04
C ILE A 202 0.01 -0.68 -6.15
N VAL A 203 1.02 -1.50 -5.87
CA VAL A 203 2.01 -1.83 -6.90
C VAL A 203 1.18 -2.31 -8.11
N SER A 204 1.33 -1.63 -9.25
CA SER A 204 0.57 -1.97 -10.45
C SER A 204 1.36 -2.57 -11.62
N TRP A 205 2.26 -1.79 -12.20
CA TRP A 205 3.05 -2.27 -13.34
C TRP A 205 4.20 -1.36 -13.60
N GLY A 206 4.95 -1.72 -14.62
CA GLY A 206 6.11 -0.95 -15.01
C GLY A 206 6.63 -1.64 -16.25
N GLU A 207 7.48 -0.97 -16.99
CA GLU A 207 8.04 -1.58 -18.18
C GLU A 207 9.35 -2.20 -17.71
N GLY A 208 9.30 -3.50 -17.43
CA GLY A 208 10.46 -4.21 -16.92
C GLY A 208 10.57 -3.85 -15.45
N CYS A 209 11.80 -3.80 -14.94
CA CYS A 209 12.01 -3.46 -13.54
C CYS A 209 13.30 -2.68 -13.38
N ALA A 210 13.21 -1.53 -12.72
CA ALA A 210 14.36 -0.68 -12.48
C ALA A 210 15.04 -0.25 -13.78
N ARG A 211 14.32 -0.38 -14.89
CA ARG A 211 14.86 0.01 -16.19
C ARG A 211 15.15 1.51 -16.19
N LYS A 212 16.27 1.91 -16.79
CA LYS A 212 16.63 3.33 -16.86
C LYS A 212 15.62 4.07 -17.73
N GLY A 213 15.15 5.22 -17.23
CA GLY A 213 14.17 6.01 -17.96
C GLY A 213 12.74 5.50 -17.82
N LYS A 214 12.51 4.64 -16.84
CA LYS A 214 11.19 4.09 -16.58
C LYS A 214 10.96 4.05 -15.07
N TYR A 215 9.72 4.32 -14.67
CA TYR A 215 9.37 4.34 -13.25
C TYR A 215 8.36 3.24 -12.93
N GLY A 216 8.14 3.02 -11.63
CA GLY A 216 7.17 2.03 -11.24
C GLY A 216 5.83 2.73 -11.25
N ILE A 217 4.81 2.07 -11.79
CA ILE A 217 3.50 2.69 -11.81
C ILE A 217 2.59 2.06 -10.75
N TYR A 218 1.94 2.92 -9.98
CA TYR A 218 1.06 2.50 -8.90
C TYR A 218 -0.37 3.01 -9.06
N THR A 219 -1.32 2.26 -8.53
CA THR A 219 -2.71 2.66 -8.58
C THR A 219 -2.84 3.83 -7.61
N LYS A 220 -3.48 4.91 -8.03
CA LYS A 220 -3.65 6.06 -7.16
C LYS A 220 -4.78 5.76 -6.19
N VAL A 221 -4.41 5.24 -5.03
CA VAL A 221 -5.37 4.88 -4.00
C VAL A 221 -6.27 6.04 -3.57
N THR A 222 -5.71 7.26 -3.50
CA THR A 222 -6.52 8.41 -3.10
C THR A 222 -7.71 8.64 -4.02
N ALA A 223 -7.66 8.09 -5.23
CA ALA A 223 -8.76 8.25 -6.18
C ALA A 223 -9.80 7.15 -6.03
N PHE A 224 -9.58 6.24 -5.09
CA PHE A 224 -10.52 5.15 -4.87
C PHE A 224 -10.95 4.97 -3.44
N LEU A 225 -10.80 6.01 -2.63
CA LEU A 225 -11.15 5.94 -1.23
C LEU A 225 -12.64 5.76 -0.93
N LYS A 226 -13.50 6.31 -1.77
CA LYS A 226 -14.94 6.17 -1.56
C LYS A 226 -15.37 4.78 -2.02
N TRP A 227 -14.67 4.28 -3.03
CA TRP A 227 -14.93 2.98 -3.59
C TRP A 227 -14.51 1.87 -2.59
N ILE A 228 -13.34 2.05 -1.98
CA ILE A 228 -12.81 1.10 -1.00
C ILE A 228 -13.80 1.01 0.15
N ASP A 229 -14.26 2.18 0.59
CA ASP A 229 -15.21 2.30 1.70
C ASP A 229 -16.54 1.57 1.56
N ARG A 230 -17.21 1.72 0.41
CA ARG A 230 -18.50 1.05 0.21
C ARG A 230 -18.27 -0.43 0.01
N SER A 231 -17.04 -0.76 -0.37
CA SER A 231 -16.61 -2.14 -0.60
C SER A 231 -16.38 -2.86 0.72
N MET A 232 -15.84 -2.13 1.69
CA MET A 232 -15.55 -2.68 3.00
C MET A 232 -16.79 -2.68 3.87
N LYS A 233 -17.94 -2.40 3.26
CA LYS A 233 -19.20 -2.39 3.99
C LYS A 233 -20.21 -3.26 3.26
N THR A 234 -19.71 -4.14 2.39
CA THR A 234 -20.56 -5.04 1.61
C THR A 234 -19.95 -6.44 1.56
N ARG B 81 2.22 29.55 3.72
CA ARG B 81 2.41 28.88 5.03
C ARG B 81 1.31 29.30 6.01
N LYS B 82 0.09 28.92 5.70
CA LYS B 82 -1.06 29.23 6.55
C LYS B 82 -1.88 27.96 6.88
N LEU B 83 -2.44 27.90 8.08
CA LEU B 83 -3.26 26.76 8.50
C LEU B 83 -2.61 25.39 8.24
N CYS B 84 -3.33 24.49 7.56
CA CYS B 84 -2.81 23.15 7.29
C CYS B 84 -1.52 23.11 6.48
N SER B 85 -1.12 24.24 5.92
CA SER B 85 0.11 24.31 5.11
C SER B 85 1.30 24.59 6.01
N LEU B 86 1.02 25.17 7.17
CA LEU B 86 2.06 25.46 8.14
C LEU B 86 2.16 24.28 9.09
N ASP B 87 3.01 23.31 8.76
CA ASP B 87 3.22 22.12 9.60
C ASP B 87 1.98 21.27 9.87
N ASN B 88 1.24 20.96 8.81
CA ASN B 88 0.03 20.14 8.94
C ASN B 88 -0.94 20.72 9.96
N GLY B 89 -0.77 21.99 10.29
CA GLY B 89 -1.66 22.62 11.25
C GLY B 89 -1.46 22.13 12.68
N ASP B 90 -0.33 21.46 12.94
CA ASP B 90 -0.01 20.92 14.26
C ASP B 90 -0.83 19.65 14.54
N CYS B 91 -1.48 19.13 13.50
CA CYS B 91 -2.27 17.91 13.63
C CYS B 91 -1.37 16.69 13.53
N ASP B 92 -1.80 15.61 14.16
CA ASP B 92 -1.05 14.37 14.13
C ASP B 92 -1.26 13.70 12.77
N GLN B 93 -2.50 13.76 12.27
CA GLN B 93 -2.84 13.14 11.00
C GLN B 93 -3.59 14.08 10.04
N PHE B 94 -4.87 13.80 9.81
CA PHE B 94 -5.66 14.61 8.89
C PHE B 94 -5.87 16.03 9.35
N CYS B 95 -5.70 16.96 8.42
CA CYS B 95 -5.89 18.38 8.69
C CYS B 95 -6.88 18.94 7.66
N HIS B 96 -7.86 19.70 8.13
CA HIS B 96 -8.86 20.31 7.27
C HIS B 96 -9.03 21.76 7.68
N GLU B 97 -9.36 22.61 6.72
CA GLU B 97 -9.57 24.02 7.01
C GLU B 97 -11.05 24.32 6.90
N GLU B 98 -11.66 24.69 8.02
CA GLU B 98 -13.08 25.02 8.06
C GLU B 98 -13.19 26.46 8.55
N GLN B 99 -13.97 27.28 7.84
CA GLN B 99 -14.18 28.67 8.19
C GLN B 99 -12.88 29.38 8.57
N ASN B 100 -11.93 29.39 7.65
CA ASN B 100 -10.63 30.02 7.87
C ASN B 100 -9.95 29.51 9.14
N SER B 101 -10.12 28.22 9.45
CA SER B 101 -9.53 27.62 10.65
C SER B 101 -9.11 26.15 10.48
N VAL B 102 -8.22 25.68 11.35
CA VAL B 102 -7.73 24.30 11.30
C VAL B 102 -8.54 23.36 12.18
N VAL B 103 -8.93 22.22 11.61
CA VAL B 103 -9.66 21.20 12.35
C VAL B 103 -8.95 19.86 12.08
N CYS B 104 -8.48 19.22 13.15
CA CYS B 104 -7.77 17.97 13.01
C CYS B 104 -8.70 16.78 13.16
N SER B 105 -8.30 15.65 12.57
CA SER B 105 -9.07 14.41 12.64
C SER B 105 -8.09 13.22 12.57
N CYS B 106 -8.60 12.01 12.82
CA CYS B 106 -7.73 10.84 12.81
C CYS B 106 -8.29 9.64 12.05
N ALA B 107 -7.42 8.69 11.75
CA ALA B 107 -7.83 7.48 11.04
C ALA B 107 -8.66 6.62 11.99
N ARG B 108 -9.41 5.68 11.43
CA ARG B 108 -10.23 4.78 12.24
C ARG B 108 -9.29 4.04 13.19
N GLY B 109 -9.66 3.99 14.46
CA GLY B 109 -8.83 3.30 15.43
C GLY B 109 -8.03 4.24 16.30
N TYR B 110 -8.28 5.54 16.13
CA TYR B 110 -7.61 6.57 16.92
C TYR B 110 -8.70 7.54 17.35
N THR B 111 -8.48 8.23 18.45
CA THR B 111 -9.44 9.22 18.91
C THR B 111 -8.65 10.52 19.07
N LEU B 112 -9.24 11.64 18.66
CA LEU B 112 -8.59 12.92 18.77
C LEU B 112 -8.43 13.26 20.25
N ALA B 113 -7.19 13.56 20.66
CA ALA B 113 -6.89 13.90 22.04
C ALA B 113 -7.66 15.15 22.46
N ASP B 114 -7.56 15.52 23.74
CA ASP B 114 -8.27 16.69 24.25
C ASP B 114 -7.78 18.00 23.64
N ASN B 115 -6.55 18.01 23.13
CA ASN B 115 -5.99 19.21 22.50
C ASN B 115 -6.45 19.39 21.07
N GLY B 116 -7.31 18.47 20.61
CA GLY B 116 -7.85 18.54 19.27
C GLY B 116 -6.84 18.39 18.14
N LYS B 117 -5.63 17.92 18.45
CA LYS B 117 -4.60 17.75 17.43
C LYS B 117 -3.97 16.35 17.39
N ALA B 118 -3.65 15.82 18.57
CA ALA B 118 -3.05 14.50 18.69
C ALA B 118 -4.05 13.39 18.47
N CYS B 119 -3.55 12.25 17.98
CA CYS B 119 -4.38 11.08 17.72
C CYS B 119 -3.94 9.94 18.63
N ILE B 120 -4.85 9.46 19.48
CA ILE B 120 -4.55 8.38 20.42
C ILE B 120 -5.16 7.03 20.02
N PRO B 121 -4.32 5.98 19.91
CA PRO B 121 -4.83 4.66 19.54
C PRO B 121 -5.92 4.20 20.49
N THR B 122 -6.99 3.65 19.94
CA THR B 122 -8.11 3.19 20.73
C THR B 122 -7.93 1.76 21.22
N GLY B 123 -6.93 1.07 20.68
CA GLY B 123 -6.71 -0.30 21.09
C GLY B 123 -5.31 -0.75 20.70
N PRO B 124 -5.05 -2.07 20.73
CA PRO B 124 -3.73 -2.55 20.37
C PRO B 124 -3.65 -2.71 18.85
N TYR B 125 -2.45 -2.50 18.31
CA TYR B 125 -2.24 -2.61 16.88
C TYR B 125 -3.07 -1.62 16.06
N PRO B 126 -2.95 -0.31 16.38
CA PRO B 126 -3.71 0.70 15.63
C PRO B 126 -3.09 0.75 14.23
N CYS B 127 -3.87 1.16 13.24
CA CYS B 127 -3.34 1.19 11.88
C CYS B 127 -2.11 2.08 11.72
N GLY B 128 -1.29 1.75 10.75
CA GLY B 128 -0.12 2.54 10.44
C GLY B 128 1.04 2.50 11.38
N LYS B 129 0.99 1.65 12.40
CA LYS B 129 2.10 1.57 13.35
C LYS B 129 2.86 0.26 13.18
N GLN B 130 4.19 0.37 13.16
CA GLN B 130 5.02 -0.82 13.07
C GLN B 130 4.88 -1.51 14.44
N THR B 131 4.70 -2.83 14.41
CA THR B 131 4.51 -3.60 15.63
C THR B 131 5.80 -3.83 16.42
N LEU B 132 5.69 -3.73 17.74
CA LEU B 132 6.85 -3.91 18.62
C LEU B 132 6.68 -5.02 19.67
CA CA C . 8.00 -17.50 7.48
N29 RRP D . -0.03 -2.10 -21.28
C28 RRP D . 0.89 -3.07 -21.45
N30 RRP D . 0.65 -4.06 -22.33
C27 RRP D . 2.16 -3.07 -20.70
C26 RRP D . 2.84 -4.28 -20.41
C24 RRP D . 4.06 -4.29 -19.68
C22 RRP D . 4.60 -3.06 -19.25
C23 RRP D . 3.95 -1.85 -19.51
C25 RRP D . 2.73 -1.84 -20.24
C21 RRP D . 4.77 -5.60 -19.39
N2 RRP D . 5.18 -5.73 -17.97
C8 RRP D . 6.51 -5.57 -17.61
O1 RRP D . 7.42 -5.33 -18.41
C4 RRP D . 6.83 -5.73 -16.12
N1 RRP D . 5.93 -6.65 -15.39
C7 RRP D . 4.54 -6.16 -15.52
C2 RRP D . 4.10 -6.04 -17.00
S4 RRP D . 6.42 -7.01 -13.86
O8 RRP D . 5.48 -7.98 -13.39
O9 RRP D . 7.80 -7.46 -13.92
C1 RRP D . 6.31 -5.58 -12.92
C3 RRP D . 7.42 -4.68 -12.84
C6 RRP D . 7.06 -3.56 -12.00
C5 RRP D . 5.74 -3.71 -11.51
S2 RRP D . 4.94 -5.10 -12.02
C10 RRP D . 5.23 -2.65 -10.65
C14 RRP D . 6.05 -1.55 -10.33
CL RRP D . 5.39 -0.32 -9.33
C15 RRP D . 7.38 -1.44 -10.84
C11 RRP D . 7.87 -2.47 -11.69
#